data_4QBG
#
_entry.id   4QBG
#
_cell.length_a   68.817
_cell.length_b   71.020
_cell.length_c   45.555
_cell.angle_alpha   90.00
_cell.angle_beta   95.13
_cell.angle_gamma   90.00
#
_symmetry.space_group_name_H-M   'C 1 2 1'
#
loop_
_entity.id
_entity.type
_entity.pdbx_description
1 polymer 'Adenylate kinase'
2 non-polymer 'ZINC ION'
3 non-polymer "BIS(ADENOSINE)-5'-PENTAPHOSPHATE"
4 non-polymer 'MAGNESIUM ION'
5 water water
#
_entity_poly.entity_id   1
_entity_poly.type   'polypeptide(L)'
_entity_poly.pdbx_seq_one_letter_code
;MNIVLMGLPGAGKGTQAERIVAKYGIPHISTGDMFRAAMKEETPLGLEAKSYIDKGELVPDEVTIGIVRERLSKSDCERG
FLLDGFPRTVAQAEALEEILEEMGRKLEHVIHIEVRQEELMERLTGRRICSVCGTTYHLVFNPPKTPGICDKDGGELYQR
ADDNEETVAKRLEVNMKQMAPLLAFYDSKEVLRNVNGQQDMEKVFKDLRELLQGLAR
;
_entity_poly.pdbx_strand_id   B
#
loop_
_chem_comp.id
_chem_comp.type
_chem_comp.name
_chem_comp.formula
AP5 non-polymer BIS(ADENOSINE)-5'-PENTAPHOSPHATE 'C20 H29 N10 O22 P5'
MG non-polymer 'MAGNESIUM ION' 'Mg 2'
ZN non-polymer 'ZINC ION' 'Zn 2'
#
# COMPACT_ATOMS: atom_id res chain seq x y z
N MET A 1 -5.05 -3.27 -17.59
CA MET A 1 -5.11 -3.76 -16.21
C MET A 1 -4.94 -2.56 -15.27
N ASN A 2 -6.10 -2.01 -14.85
CA ASN A 2 -6.11 -0.82 -14.00
C ASN A 2 -6.67 -1.24 -12.66
N ILE A 3 -5.77 -1.28 -11.66
CA ILE A 3 -6.03 -1.95 -10.40
C ILE A 3 -5.71 -1.09 -9.18
N VAL A 4 -6.55 -1.17 -8.18
CA VAL A 4 -6.24 -0.68 -6.82
C VAL A 4 -6.16 -1.77 -5.83
N LEU A 5 -5.15 -1.81 -4.98
CA LEU A 5 -5.09 -2.63 -3.74
C LEU A 5 -5.40 -1.80 -2.56
N MET A 6 -6.44 -2.23 -1.84
CA MET A 6 -6.92 -1.61 -0.68
C MET A 6 -6.82 -2.54 0.52
N GLY A 7 -6.38 -2.05 1.64
CA GLY A 7 -6.22 -2.89 2.79
C GLY A 7 -5.70 -2.12 3.93
N LEU A 8 -6.00 -2.57 5.13
CA LEU A 8 -5.46 -1.96 6.34
C LEU A 8 -3.95 -2.10 6.40
N PRO A 9 -3.33 -1.25 7.19
CA PRO A 9 -1.86 -1.35 7.36
C PRO A 9 -1.43 -2.83 7.64
N GLY A 10 -0.46 -3.33 6.87
CA GLY A 10 0.01 -4.70 7.01
C GLY A 10 -0.69 -5.80 6.30
N ALA A 11 -1.79 -5.47 5.53
CA ALA A 11 -2.57 -6.51 4.88
C ALA A 11 -1.88 -7.25 3.80
N GLY A 12 -0.70 -6.76 3.41
CA GLY A 12 0.11 -7.40 2.36
C GLY A 12 0.09 -6.75 1.01
N LYS A 13 -0.31 -5.45 0.95
CA LYS A 13 -0.44 -4.86 -0.37
C LYS A 13 0.89 -4.83 -1.12
N GLY A 14 1.99 -4.40 -0.42
CA GLY A 14 3.27 -4.34 -1.15
C GLY A 14 3.77 -5.73 -1.52
N THR A 15 3.60 -6.70 -0.61
CA THR A 15 4.02 -8.08 -0.84
C THR A 15 3.34 -8.65 -2.07
N GLN A 16 2.01 -8.36 -2.23
CA GLN A 16 1.27 -8.76 -3.39
C GLN A 16 1.61 -8.02 -4.65
N ALA A 17 1.83 -6.69 -4.46
CA ALA A 17 2.19 -5.84 -5.57
C ALA A 17 3.44 -6.31 -6.27
N GLU A 18 4.46 -6.76 -5.48
CA GLU A 18 5.68 -7.22 -6.11
C GLU A 18 5.45 -8.41 -6.99
N ARG A 19 4.54 -9.25 -6.54
CA ARG A 19 4.20 -10.44 -7.25
C ARG A 19 3.42 -10.10 -8.55
N ILE A 20 2.40 -9.14 -8.41
CA ILE A 20 1.59 -8.73 -9.49
C ILE A 20 2.45 -8.07 -10.58
N VAL A 21 3.35 -7.23 -10.13
CA VAL A 21 4.22 -6.54 -11.11
C VAL A 21 5.20 -7.47 -11.82
N ALA A 22 5.69 -8.47 -11.10
CA ALA A 22 6.59 -9.43 -11.74
C ALA A 22 5.83 -10.22 -12.75
N LYS A 23 4.57 -10.54 -12.54
CA LYS A 23 3.79 -11.31 -13.50
C LYS A 23 3.25 -10.54 -14.66
N TYR A 24 2.79 -9.31 -14.39
CA TYR A 24 1.97 -8.54 -15.34
C TYR A 24 2.70 -7.30 -15.93
N GLY A 25 3.78 -6.82 -15.32
CA GLY A 25 4.55 -5.66 -15.86
C GLY A 25 3.91 -4.27 -15.93
N ILE A 26 2.94 -4.06 -15.04
CA ILE A 26 2.28 -2.76 -14.88
C ILE A 26 3.02 -2.06 -13.77
N PRO A 27 3.03 -0.72 -13.75
CA PRO A 27 3.75 -0.05 -12.71
C PRO A 27 3.09 -0.17 -11.34
N HIS A 28 3.87 -0.29 -10.29
CA HIS A 28 3.47 -0.27 -8.90
C HIS A 28 3.53 1.19 -8.41
N ILE A 29 2.37 1.74 -7.98
CA ILE A 29 2.27 3.13 -7.52
C ILE A 29 1.80 3.05 -6.08
N SER A 30 2.73 3.10 -5.15
CA SER A 30 2.49 3.15 -3.71
C SER A 30 2.67 4.58 -3.25
N THR A 31 1.59 5.27 -2.81
CA THR A 31 1.73 6.58 -2.30
C THR A 31 2.61 6.62 -1.01
N GLY A 32 2.50 5.61 -0.14
CA GLY A 32 3.36 5.51 1.00
C GLY A 32 4.84 5.44 0.62
N ASP A 33 5.14 4.58 -0.36
CA ASP A 33 6.56 4.42 -0.84
C ASP A 33 7.01 5.73 -1.41
N MET A 34 6.15 6.40 -2.19
CA MET A 34 6.51 7.73 -2.79
C MET A 34 6.81 8.70 -1.69
N PHE A 35 5.97 8.80 -0.68
CA PHE A 35 6.24 9.71 0.39
C PHE A 35 7.56 9.37 1.15
N ARG A 36 7.81 8.13 1.43
CA ARG A 36 8.96 7.71 2.15
C ARG A 36 10.22 8.00 1.38
N ALA A 37 10.23 7.86 0.03
CA ALA A 37 11.32 8.23 -0.79
C ALA A 37 11.60 9.69 -0.68
N ALA A 38 10.59 10.56 -0.69
CA ALA A 38 10.79 11.99 -0.54
C ALA A 38 11.30 12.31 0.89
N MET A 39 10.84 11.56 1.85
CA MET A 39 11.29 11.84 3.24
C MET A 39 12.77 11.50 3.34
N LYS A 40 13.22 10.37 2.74
CA LYS A 40 14.63 9.95 2.81
C LYS A 40 15.49 11.05 2.12
N GLU A 41 15.00 11.62 1.01
CA GLU A 41 15.68 12.71 0.29
C GLU A 41 15.51 14.07 0.96
N GLU A 42 14.69 14.16 2.01
CA GLU A 42 14.44 15.34 2.81
C GLU A 42 14.05 16.48 1.87
N THR A 43 13.22 16.20 0.86
CA THR A 43 12.73 17.24 -0.02
C THR A 43 11.58 17.94 0.72
N PRO A 44 11.16 19.09 0.23
CA PRO A 44 10.01 19.74 0.83
C PRO A 44 8.76 18.88 0.89
N LEU A 45 8.41 18.17 -0.17
CA LEU A 45 7.29 17.23 -0.09
C LEU A 45 7.53 16.24 1.01
N GLY A 46 8.74 15.65 1.09
CA GLY A 46 9.06 14.72 2.16
C GLY A 46 8.83 15.26 3.55
N LEU A 47 9.35 16.42 3.78
CA LEU A 47 9.22 16.95 5.13
C LEU A 47 7.79 17.31 5.47
N GLU A 48 7.04 17.77 4.48
CA GLU A 48 5.57 17.91 4.65
C GLU A 48 4.83 16.66 5.00
N ALA A 49 5.16 15.57 4.29
CA ALA A 49 4.46 14.32 4.54
C ALA A 49 4.90 13.70 5.90
N LYS A 50 6.14 13.91 6.31
CA LYS A 50 6.73 13.32 7.50
C LYS A 50 5.95 13.54 8.72
N SER A 51 5.48 14.78 8.85
CA SER A 51 4.80 15.11 10.06
C SER A 51 3.52 14.28 10.26
N TYR A 52 2.83 13.96 9.19
CA TYR A 52 1.66 13.08 9.24
C TYR A 52 2.10 11.61 9.44
N ILE A 53 2.99 11.12 8.54
CA ILE A 53 3.32 9.68 8.44
C ILE A 53 3.82 9.24 9.84
N ASP A 54 4.78 9.98 10.39
CA ASP A 54 5.43 9.50 11.58
C ASP A 54 4.42 9.26 12.70
N LYS A 55 3.37 10.10 12.71
CA LYS A 55 2.25 9.96 13.67
C LYS A 55 1.16 8.98 13.35
N GLY A 56 1.23 8.32 12.20
CA GLY A 56 0.13 7.41 11.86
C GLY A 56 -1.16 8.03 11.26
N GLU A 57 -1.06 9.28 10.90
CA GLU A 57 -2.17 10.00 10.28
C GLU A 57 -1.99 9.97 8.78
N LEU A 58 -3.09 10.18 8.11
CA LEU A 58 -3.11 10.36 6.64
C LEU A 58 -2.51 11.69 6.27
N VAL A 59 -1.73 11.65 5.20
CA VAL A 59 -1.32 12.94 4.52
C VAL A 59 -2.56 13.62 3.89
N PRO A 60 -2.60 14.97 3.88
CA PRO A 60 -3.84 15.53 3.42
C PRO A 60 -4.18 15.17 1.96
N ASP A 61 -5.48 15.14 1.71
CA ASP A 61 -5.93 14.81 0.37
C ASP A 61 -5.32 15.61 -0.76
N GLU A 62 -5.27 16.94 -0.65
CA GLU A 62 -4.88 17.69 -1.80
C GLU A 62 -3.48 17.30 -2.30
N VAL A 63 -2.50 17.24 -1.44
CA VAL A 63 -1.13 16.90 -1.88
C VAL A 63 -1.07 15.45 -2.37
N THR A 64 -1.81 14.56 -1.76
CA THR A 64 -1.76 13.17 -2.13
C THR A 64 -2.38 12.97 -3.46
N ILE A 65 -3.58 13.58 -3.74
CA ILE A 65 -4.17 13.52 -5.04
C ILE A 65 -3.21 14.07 -6.07
N GLY A 66 -2.55 15.19 -5.79
CA GLY A 66 -1.65 15.75 -6.75
C GLY A 66 -0.50 14.89 -7.13
N ILE A 67 0.11 14.21 -6.18
CA ILE A 67 1.18 13.26 -6.58
C ILE A 67 0.67 12.15 -7.47
N VAL A 68 -0.56 11.71 -7.21
CA VAL A 68 -1.13 10.61 -8.03
C VAL A 68 -1.50 11.18 -9.40
N ARG A 69 -2.11 12.36 -9.47
CA ARG A 69 -2.48 12.95 -10.77
C ARG A 69 -1.23 13.09 -11.63
N GLU A 70 -0.12 13.53 -11.03
CA GLU A 70 1.13 13.61 -11.83
C GLU A 70 1.68 12.24 -12.21
N ARG A 71 1.67 11.30 -11.27
CA ARG A 71 2.19 9.98 -11.56
C ARG A 71 1.46 9.24 -12.59
N LEU A 72 0.12 9.31 -12.63
CA LEU A 72 -0.68 8.63 -13.64
C LEU A 72 -0.63 9.24 -15.02
N SER A 73 -0.03 10.42 -15.16
CA SER A 73 0.15 11.09 -16.46
C SER A 73 1.35 10.55 -17.22
N LYS A 74 2.16 9.71 -16.58
CA LYS A 74 3.33 9.11 -17.28
C LYS A 74 2.96 8.03 -18.27
N SER A 75 3.81 7.85 -19.28
CA SER A 75 3.47 6.90 -20.32
C SER A 75 3.49 5.46 -19.84
N ASP A 76 4.20 5.13 -18.73
CA ASP A 76 4.21 3.75 -18.27
C ASP A 76 2.88 3.30 -17.69
N CYS A 77 1.91 4.22 -17.57
CA CYS A 77 0.53 3.89 -17.05
C CYS A 77 -0.52 3.72 -18.13
N GLU A 78 -0.11 3.92 -19.40
CA GLU A 78 -1.04 3.80 -20.55
C GLU A 78 -1.66 2.43 -20.74
N ARG A 79 -0.99 1.37 -20.34
CA ARG A 79 -1.54 -0.01 -20.48
C ARG A 79 -1.95 -0.68 -19.16
N GLY A 80 -1.80 0.04 -18.06
CA GLY A 80 -2.30 -0.41 -16.81
C GLY A 80 -1.47 0.13 -15.71
N PHE A 81 -1.93 -0.12 -14.45
CA PHE A 81 -1.24 0.40 -13.27
C PHE A 81 -1.75 -0.33 -12.03
N LEU A 82 -0.95 -0.26 -10.96
CA LEU A 82 -1.34 -0.88 -9.71
C LEU A 82 -1.16 0.13 -8.65
N LEU A 83 -2.30 0.72 -8.25
CA LEU A 83 -2.27 1.67 -7.09
C LEU A 83 -2.34 0.97 -5.80
N ASP A 84 -1.54 1.29 -4.84
CA ASP A 84 -1.37 0.55 -3.59
C ASP A 84 -1.51 1.54 -2.47
N GLY A 85 -2.57 1.45 -1.68
CA GLY A 85 -2.77 2.38 -0.62
C GLY A 85 -3.24 3.79 -1.01
N PHE A 86 -3.76 3.86 -2.26
CA PHE A 86 -4.48 5.01 -2.75
C PHE A 86 -5.60 4.42 -3.59
N PRO A 87 -6.84 4.97 -3.47
CA PRO A 87 -7.30 6.00 -2.53
C PRO A 87 -7.38 5.49 -1.09
N ARG A 88 -7.31 6.37 -0.16
CA ARG A 88 -7.50 6.04 1.28
C ARG A 88 -8.69 6.76 1.86
N THR A 89 -9.30 7.72 1.12
CA THR A 89 -10.51 8.39 1.54
C THR A 89 -11.49 8.44 0.37
N VAL A 90 -12.77 8.68 0.62
CA VAL A 90 -13.77 8.89 -0.40
C VAL A 90 -13.42 10.06 -1.29
N ALA A 91 -12.90 11.17 -0.72
CA ALA A 91 -12.46 12.29 -1.54
C ALA A 91 -11.39 11.90 -2.57
N GLN A 92 -10.42 11.08 -2.11
CA GLN A 92 -9.40 10.58 -3.04
C GLN A 92 -9.97 9.70 -4.09
N ALA A 93 -10.94 8.84 -3.73
CA ALA A 93 -11.60 7.99 -4.71
C ALA A 93 -12.41 8.77 -5.77
N GLU A 94 -13.06 9.87 -5.33
CA GLU A 94 -13.87 10.71 -6.25
C GLU A 94 -12.90 11.44 -7.15
N ALA A 95 -11.76 11.91 -6.62
CA ALA A 95 -10.76 12.52 -7.48
C ALA A 95 -10.13 11.54 -8.47
N LEU A 96 -9.84 10.29 -8.06
CA LEU A 96 -9.33 9.31 -8.97
C LEU A 96 -10.34 9.06 -10.13
N GLU A 97 -11.63 8.97 -9.77
CA GLU A 97 -12.65 8.75 -10.83
C GLU A 97 -12.55 9.83 -11.91
N GLU A 98 -12.36 11.06 -11.50
CA GLU A 98 -12.21 12.14 -12.48
C GLU A 98 -10.91 12.06 -13.28
N ILE A 99 -9.84 11.65 -12.61
CA ILE A 99 -8.53 11.48 -13.31
C ILE A 99 -8.61 10.47 -14.38
N LEU A 100 -9.17 9.34 -13.98
CA LEU A 100 -9.31 8.29 -14.89
C LEU A 100 -10.19 8.58 -16.08
N GLU A 101 -11.31 9.20 -15.79
CA GLU A 101 -12.16 9.67 -16.89
C GLU A 101 -11.33 10.50 -17.89
N GLU A 102 -10.52 11.41 -17.35
CA GLU A 102 -9.74 12.35 -18.20
C GLU A 102 -8.77 11.56 -19.12
N MET A 103 -8.25 10.46 -18.59
CA MET A 103 -7.30 9.62 -19.23
C MET A 103 -7.91 8.64 -20.17
N GLY A 104 -9.24 8.56 -20.15
CA GLY A 104 -9.96 7.62 -20.92
C GLY A 104 -9.72 6.23 -20.47
N ARG A 105 -9.66 6.07 -19.14
CA ARG A 105 -9.45 4.78 -18.52
C ARG A 105 -10.48 4.54 -17.41
N LYS A 106 -10.69 3.28 -17.09
CA LYS A 106 -11.67 2.86 -16.06
C LYS A 106 -10.94 1.97 -15.07
N LEU A 107 -11.17 2.11 -13.76
CA LEU A 107 -10.73 1.02 -12.81
C LEU A 107 -11.41 -0.24 -13.13
N GLU A 108 -10.68 -1.31 -13.19
CA GLU A 108 -11.19 -2.61 -13.44
C GLU A 108 -11.47 -3.44 -12.19
N HIS A 109 -10.60 -3.32 -11.16
CA HIS A 109 -10.77 -4.03 -9.93
C HIS A 109 -10.20 -3.19 -8.80
N VAL A 110 -10.96 -3.08 -7.70
CA VAL A 110 -10.51 -2.61 -6.44
C VAL A 110 -10.48 -3.78 -5.50
N ILE A 111 -9.27 -4.24 -5.19
CA ILE A 111 -9.13 -5.44 -4.40
C ILE A 111 -8.97 -5.16 -2.93
N HIS A 112 -9.87 -5.56 -2.09
CA HIS A 112 -9.74 -5.38 -0.65
C HIS A 112 -9.09 -6.66 -0.18
N ILE A 113 -7.85 -6.51 0.28
CA ILE A 113 -7.13 -7.59 0.96
C ILE A 113 -7.42 -7.53 2.40
N GLU A 114 -8.29 -8.45 2.84
CA GLU A 114 -8.89 -8.42 4.16
C GLU A 114 -8.10 -9.29 5.10
N VAL A 115 -7.70 -8.70 6.23
CA VAL A 115 -6.97 -9.34 7.27
C VAL A 115 -7.45 -8.74 8.59
N ARG A 116 -7.80 -9.58 9.56
CA ARG A 116 -8.28 -9.03 10.85
C ARG A 116 -7.16 -8.31 11.59
N GLN A 117 -7.58 -7.31 12.32
CA GLN A 117 -6.68 -6.41 13.02
C GLN A 117 -5.67 -7.05 13.97
N GLU A 118 -6.08 -8.13 14.63
CA GLU A 118 -5.21 -8.86 15.50
C GLU A 118 -4.01 -9.38 14.72
N GLU A 119 -4.21 -9.99 13.55
CA GLU A 119 -3.10 -10.42 12.75
C GLU A 119 -2.22 -9.29 12.27
N LEU A 120 -2.83 -8.16 11.86
CA LEU A 120 -2.12 -6.95 11.41
C LEU A 120 -1.15 -6.46 12.44
N MET A 121 -1.64 -6.31 13.66
CA MET A 121 -0.79 -5.90 14.71
C MET A 121 0.42 -6.81 14.86
N GLU A 122 0.26 -8.13 14.80
CA GLU A 122 1.35 -9.01 14.87
C GLU A 122 2.36 -8.94 13.68
N ARG A 123 1.81 -8.75 12.49
CA ARG A 123 2.63 -8.62 11.29
C ARG A 123 3.53 -7.44 11.36
N LEU A 124 3.05 -6.30 11.83
CA LEU A 124 3.81 -5.12 11.84
C LEU A 124 4.76 -4.86 13.01
N THR A 125 4.27 -5.17 14.19
CA THR A 125 5.06 -4.99 15.34
C THR A 125 6.20 -5.99 15.23
N GLY A 126 7.35 -5.42 15.17
CA GLY A 126 8.55 -6.22 15.03
C GLY A 126 9.17 -5.96 13.65
N ARG A 127 8.53 -5.27 12.75
CA ARG A 127 9.20 -5.01 11.46
C ARG A 127 10.44 -4.15 11.71
N ARG A 128 11.51 -4.41 10.99
CA ARG A 128 12.73 -3.59 11.01
C ARG A 128 13.18 -3.50 9.56
N ILE A 129 13.82 -2.36 9.21
CA ILE A 129 14.23 -2.00 7.85
C ILE A 129 15.76 -1.75 7.83
N CYS A 130 16.40 -2.22 6.73
CA CYS A 130 17.80 -1.89 6.58
C CYS A 130 17.96 -0.50 6.10
N SER A 131 18.73 0.29 6.83
CA SER A 131 19.05 1.66 6.45
C SER A 131 19.76 1.81 5.08
N VAL A 132 20.37 0.74 4.58
CA VAL A 132 21.24 0.83 3.40
C VAL A 132 20.46 0.25 2.24
N CYS A 133 19.82 -0.88 2.29
CA CYS A 133 19.26 -1.43 1.05
C CYS A 133 17.76 -1.48 1.12
N GLY A 134 17.17 -1.21 2.28
CA GLY A 134 15.72 -1.20 2.45
C GLY A 134 15.05 -2.55 2.64
N THR A 135 15.85 -3.64 2.64
CA THR A 135 15.38 -5.04 2.91
C THR A 135 14.66 -5.00 4.29
N THR A 136 13.52 -5.68 4.33
CA THR A 136 12.78 -5.82 5.55
C THR A 136 13.14 -7.09 6.28
N TYR A 137 13.01 -6.98 7.61
CA TYR A 137 13.14 -8.09 8.56
C TYR A 137 11.96 -8.06 9.56
N HIS A 138 11.80 -9.12 10.36
CA HIS A 138 10.84 -9.09 11.41
C HIS A 138 11.43 -9.80 12.60
N LEU A 139 11.29 -9.22 13.80
CA LEU A 139 11.95 -9.80 14.95
C LEU A 139 11.47 -11.22 15.28
N VAL A 140 10.19 -11.44 15.06
CA VAL A 140 9.52 -12.62 15.38
C VAL A 140 9.56 -13.60 14.28
N PHE A 141 9.15 -13.18 13.07
CA PHE A 141 8.97 -14.12 11.94
C PHE A 141 10.10 -14.18 10.89
N ASN A 142 11.01 -13.23 10.91
CA ASN A 142 12.10 -13.23 9.89
C ASN A 142 13.32 -12.49 10.42
N PRO A 143 13.89 -12.94 11.56
CA PRO A 143 14.93 -12.10 12.16
C PRO A 143 16.22 -12.19 11.32
N PRO A 144 17.02 -11.14 11.42
CA PRO A 144 18.37 -11.24 10.79
C PRO A 144 19.27 -12.23 11.52
N LYS A 145 20.43 -12.56 10.89
CA LYS A 145 21.36 -13.45 11.55
C LYS A 145 21.99 -12.86 12.73
N THR A 146 22.33 -11.59 12.66
CA THR A 146 22.84 -10.83 13.78
C THR A 146 21.87 -9.71 14.17
N PRO A 147 21.44 -9.62 15.43
CA PRO A 147 20.46 -8.64 15.73
C PRO A 147 20.87 -7.19 15.34
N GLY A 148 19.93 -6.45 14.74
CA GLY A 148 20.17 -5.03 14.33
C GLY A 148 20.94 -4.82 13.00
N ILE A 149 21.35 -5.91 12.38
CA ILE A 149 22.20 -5.91 11.16
C ILE A 149 21.62 -6.65 9.99
N CYS A 150 21.65 -6.08 8.75
CA CYS A 150 21.12 -6.71 7.67
C CYS A 150 22.01 -7.80 7.12
N ASP A 151 21.44 -8.95 6.79
CA ASP A 151 22.20 -10.05 6.28
C ASP A 151 22.90 -9.75 4.96
N LYS A 152 22.30 -8.85 4.15
CA LYS A 152 22.80 -8.73 2.77
C LYS A 152 24.04 -7.83 2.69
N ASP A 153 24.06 -6.77 3.46
CA ASP A 153 25.14 -5.78 3.33
C ASP A 153 25.69 -5.24 4.62
N GLY A 154 25.28 -5.81 5.75
CA GLY A 154 25.74 -5.41 7.02
C GLY A 154 25.24 -4.08 7.51
N GLY A 155 24.23 -3.52 6.77
CA GLY A 155 23.71 -2.25 7.10
C GLY A 155 22.92 -2.34 8.47
N GLU A 156 22.89 -1.24 9.18
CA GLU A 156 22.15 -1.17 10.41
C GLU A 156 20.65 -1.10 10.14
N LEU A 157 19.91 -1.91 10.87
CA LEU A 157 18.48 -1.93 10.85
C LEU A 157 17.89 -0.83 11.77
N TYR A 158 16.66 -0.40 11.42
CA TYR A 158 15.93 0.48 12.31
C TYR A 158 14.44 0.09 12.30
N GLN A 159 13.76 0.63 13.34
CA GLN A 159 12.32 0.64 13.46
C GLN A 159 11.81 1.95 12.95
N ARG A 160 10.96 1.86 11.94
CA ARG A 160 10.27 3.08 11.46
C ARG A 160 9.54 3.74 12.61
N ALA A 161 9.49 5.06 12.52
CA ALA A 161 8.84 5.89 13.54
C ALA A 161 7.42 5.47 13.69
N ASP A 162 6.76 5.02 12.63
CA ASP A 162 5.33 4.55 12.65
C ASP A 162 5.02 3.09 12.92
N ASP A 163 6.03 2.25 13.18
CA ASP A 163 5.84 0.78 13.33
C ASP A 163 5.84 0.29 14.85
N ASN A 164 6.00 1.19 15.72
CA ASN A 164 5.76 0.82 17.13
C ASN A 164 4.31 0.48 17.37
N GLU A 165 4.03 -0.28 18.42
CA GLU A 165 2.66 -0.75 18.66
C GLU A 165 1.63 0.33 18.76
N GLU A 166 1.95 1.45 19.40
CA GLU A 166 0.95 2.47 19.62
C GLU A 166 0.63 3.12 18.28
N THR A 167 1.66 3.28 17.48
CA THR A 167 1.38 3.94 16.17
C THR A 167 0.71 3.04 15.16
N VAL A 168 0.99 1.74 15.22
CA VAL A 168 0.28 0.76 14.47
C VAL A 168 -1.16 0.64 14.89
N ALA A 169 -1.46 0.72 16.18
CA ALA A 169 -2.88 0.78 16.62
C ALA A 169 -3.63 1.99 16.15
N LYS A 170 -2.97 3.12 16.19
CA LYS A 170 -3.51 4.27 15.58
C LYS A 170 -3.74 4.21 14.05
N ARG A 171 -2.74 3.77 13.32
CA ARG A 171 -2.92 3.61 11.87
C ARG A 171 -4.10 2.65 11.56
N LEU A 172 -4.25 1.61 12.30
CA LEU A 172 -5.37 0.72 12.14
C LEU A 172 -6.69 1.46 12.41
N GLU A 173 -6.73 2.29 13.44
CA GLU A 173 -8.02 2.92 13.73
C GLU A 173 -8.35 3.97 12.65
N VAL A 174 -7.37 4.77 12.19
CA VAL A 174 -7.57 5.86 11.21
C VAL A 174 -8.07 5.27 9.91
N ASN A 175 -7.42 4.23 9.49
CA ASN A 175 -7.76 3.55 8.22
C ASN A 175 -9.02 2.68 8.31
N MET A 176 -9.33 2.15 9.46
CA MET A 176 -10.56 1.45 9.60
C MET A 176 -11.69 2.44 9.38
N LYS A 177 -11.59 3.59 9.93
CA LYS A 177 -12.69 4.50 9.82
C LYS A 177 -12.87 5.07 8.44
N GLN A 178 -11.75 5.36 7.80
CA GLN A 178 -11.78 5.97 6.46
C GLN A 178 -12.16 4.91 5.44
N MET A 179 -11.77 3.67 5.70
CA MET A 179 -12.00 2.63 4.71
C MET A 179 -13.47 2.19 4.67
N ALA A 180 -14.27 2.32 5.74
CA ALA A 180 -15.64 1.90 5.73
C ALA A 180 -16.49 2.52 4.60
N PRO A 181 -16.53 3.85 4.49
CA PRO A 181 -17.21 4.44 3.39
C PRO A 181 -16.54 4.21 2.04
N LEU A 182 -15.22 4.01 2.05
CA LEU A 182 -14.55 3.82 0.79
C LEU A 182 -14.91 2.45 0.23
N LEU A 183 -15.03 1.43 1.04
CA LEU A 183 -15.49 0.13 0.60
C LEU A 183 -16.91 0.33 0.07
N ALA A 184 -17.76 1.07 0.80
CA ALA A 184 -19.13 1.30 0.29
C ALA A 184 -19.12 1.96 -1.11
N PHE A 185 -18.25 2.97 -1.30
CA PHE A 185 -18.13 3.64 -2.54
C PHE A 185 -17.92 2.66 -3.68
N TYR A 186 -16.90 1.81 -3.50
CA TYR A 186 -16.59 0.91 -4.59
C TYR A 186 -17.51 -0.34 -4.66
N ASP A 187 -18.14 -0.71 -3.58
CA ASP A 187 -19.16 -1.73 -3.72
C ASP A 187 -20.34 -1.22 -4.52
N SER A 188 -20.69 0.06 -4.36
CA SER A 188 -21.77 0.64 -5.17
C SER A 188 -21.49 0.69 -6.66
N LYS A 189 -20.18 0.81 -6.96
CA LYS A 189 -19.69 0.90 -8.34
C LYS A 189 -19.45 -0.46 -8.98
N GLU A 190 -19.62 -1.51 -8.18
CA GLU A 190 -19.49 -2.93 -8.58
C GLU A 190 -18.09 -3.33 -9.00
N VAL A 191 -17.11 -2.63 -8.50
CA VAL A 191 -15.69 -2.91 -8.81
C VAL A 191 -14.95 -3.48 -7.62
N LEU A 192 -15.56 -3.53 -6.46
CA LEU A 192 -14.99 -4.08 -5.20
C LEU A 192 -14.90 -5.61 -5.20
N ARG A 193 -13.67 -6.10 -5.00
CA ARG A 193 -13.41 -7.58 -4.92
C ARG A 193 -12.87 -7.79 -3.54
N ASN A 194 -13.12 -8.96 -2.99
CA ASN A 194 -12.58 -9.26 -1.66
C ASN A 194 -11.60 -10.44 -1.79
N VAL A 195 -10.47 -10.35 -1.15
CA VAL A 195 -9.48 -11.40 -1.08
C VAL A 195 -9.22 -11.63 0.42
N ASN A 196 -9.20 -12.91 0.80
CA ASN A 196 -8.77 -13.31 2.10
C ASN A 196 -7.23 -13.25 2.29
N GLY A 197 -6.75 -12.25 2.96
CA GLY A 197 -5.33 -11.99 3.13
C GLY A 197 -4.65 -12.87 4.19
N GLN A 198 -5.49 -13.69 4.89
CA GLN A 198 -5.02 -14.55 5.95
C GLN A 198 -4.74 -15.93 5.39
N GLN A 199 -3.83 -15.96 4.39
CA GLN A 199 -3.38 -17.15 3.77
C GLN A 199 -1.92 -16.94 3.46
N ASP A 200 -1.24 -18.03 3.07
CA ASP A 200 0.23 -17.77 2.80
C ASP A 200 0.36 -16.83 1.58
N MET A 201 1.56 -16.31 1.36
CA MET A 201 1.70 -15.17 0.41
C MET A 201 1.42 -15.68 -1.02
N GLU A 202 1.77 -16.94 -1.28
CA GLU A 202 1.52 -17.45 -2.57
C GLU A 202 0.02 -17.66 -2.85
N LYS A 203 -0.71 -18.12 -1.83
CA LYS A 203 -2.12 -18.36 -2.01
C LYS A 203 -2.98 -17.13 -2.12
N VAL A 204 -2.61 -16.10 -1.39
CA VAL A 204 -3.22 -14.77 -1.56
C VAL A 204 -3.00 -14.41 -3.02
N PHE A 205 -1.74 -14.51 -3.47
CA PHE A 205 -1.48 -14.20 -4.86
C PHE A 205 -2.31 -15.01 -5.87
N LYS A 206 -2.44 -16.34 -5.65
CA LYS A 206 -3.30 -17.14 -6.55
C LYS A 206 -4.76 -16.62 -6.63
N ASP A 207 -5.30 -16.30 -5.51
CA ASP A 207 -6.64 -15.74 -5.40
C ASP A 207 -6.77 -14.36 -6.05
N LEU A 208 -5.74 -13.57 -5.86
CA LEU A 208 -5.71 -12.23 -6.52
C LEU A 208 -5.70 -12.41 -7.99
N ARG A 209 -4.79 -13.27 -8.43
CA ARG A 209 -4.54 -13.64 -9.84
C ARG A 209 -5.88 -14.10 -10.49
N GLU A 210 -6.63 -14.86 -9.73
CA GLU A 210 -7.87 -15.34 -10.29
C GLU A 210 -8.84 -14.24 -10.54
N LEU A 211 -8.84 -13.24 -9.66
CA LEU A 211 -9.64 -12.02 -9.89
C LEU A 211 -9.06 -11.25 -11.15
N LEU A 212 -7.70 -11.11 -11.21
CA LEU A 212 -7.01 -10.50 -12.38
C LEU A 212 -7.12 -11.28 -13.70
N GLN A 213 -7.19 -12.60 -13.68
CA GLN A 213 -7.34 -13.39 -14.93
C GLN A 213 -8.80 -13.47 -15.34
N GLY A 214 -9.69 -12.85 -14.54
CA GLY A 214 -11.12 -12.93 -14.78
C GLY A 214 -11.83 -14.24 -14.44
N LEU A 215 -11.27 -15.04 -13.53
CA LEU A 215 -11.75 -16.40 -13.27
C LEU A 215 -12.75 -16.42 -12.12
N ALA A 216 -12.65 -15.45 -11.23
CA ALA A 216 -13.51 -15.37 -10.06
C ALA A 216 -14.58 -14.37 -10.39
N ARG A 217 -15.77 -14.88 -10.73
CA ARG A 217 -16.92 -14.04 -11.21
C ARG A 217 -18.05 -13.99 -10.15
ZN ZN B . 20.73 -4.12 3.75
PA AP5 C . 3.32 -5.39 3.48
O1A AP5 C . 3.28 -5.99 2.24
O2A AP5 C . 4.27 -4.30 3.71
O3A AP5 C . 1.84 -4.82 3.78
PB AP5 C . 1.20 -3.41 3.29
O1B AP5 C . -0.27 -3.68 3.22
O2B AP5 C . 1.97 -2.90 2.15
O3B AP5 C . 1.41 -2.54 4.58
PG AP5 C . 2.30 -1.25 4.93
O1G AP5 C . 3.19 -1.71 6.03
O2G AP5 C . 2.86 -0.68 3.71
O3G AP5 C . 1.17 -0.29 5.53
PD AP5 C . 0.33 0.79 4.94
O1D AP5 C . -0.38 0.27 3.77
O2D AP5 C . -0.22 1.39 6.25
O3D AP5 C . 1.46 1.86 4.49
PE AP5 C . 1.57 2.85 3.24
O1E AP5 C . 2.98 2.82 2.79
O2E AP5 C . 0.51 2.74 2.33
O5F AP5 C . 3.46 -6.54 4.55
C5F AP5 C . 3.58 -6.15 5.88
C4F AP5 C . 4.12 -7.33 6.73
O4F AP5 C . 3.28 -8.54 6.65
C3F AP5 C . 5.53 -7.83 6.22
O3F AP5 C . 6.40 -8.12 7.30
C2F AP5 C . 5.15 -9.03 5.36
O2F AP5 C . 6.29 -9.88 5.23
C1F AP5 C . 3.99 -9.66 6.10
N9A AP5 C . 3.12 -10.44 5.26
C8A AP5 C . 2.66 -10.09 4.08
N7A AP5 C . 1.85 -10.98 3.54
C5A AP5 C . 1.78 -12.00 4.45
C6A AP5 C . 0.97 -13.17 4.53
N6A AP5 C . 0.32 -13.52 3.47
N1A AP5 C . 1.14 -13.90 5.63
C2A AP5 C . 1.80 -13.45 6.69
N3A AP5 C . 2.61 -12.35 6.69
C4A AP5 C . 2.50 -11.58 5.59
O5J AP5 C . 1.31 4.33 3.97
C5J AP5 C . 2.21 4.77 4.97
C4J AP5 C . 1.77 6.21 5.34
O4J AP5 C . 1.85 7.10 4.25
C3J AP5 C . 0.30 6.16 5.87
O3J AP5 C . 0.12 5.79 7.23
C2J AP5 C . 0.04 7.67 5.57
O2J AP5 C . 0.59 8.50 6.59
C1J AP5 C . 0.76 7.96 4.26
N9B AP5 C . -0.14 7.60 3.15
C8B AP5 C . 0.11 6.64 2.17
N7B AP5 C . -0.84 6.65 1.23
C5B AP5 C . -1.72 7.71 1.63
C6B AP5 C . -2.86 8.20 1.02
N6B AP5 C . -3.47 7.66 -0.07
N1B AP5 C . -3.50 9.29 1.56
C2B AP5 C . -2.92 9.78 2.69
N3B AP5 C . -1.82 9.37 3.30
C4B AP5 C . -1.19 8.32 2.77
MG MG D . 2.98 -1.10 1.73
#